data_8IFX
#
_entry.id   8IFX
#
_cell.length_a   98.017
_cell.length_b   98.017
_cell.length_c   131.432
_cell.angle_alpha   90.000
_cell.angle_beta   90.000
_cell.angle_gamma   120.000
#
_symmetry.space_group_name_H-M   'P 31 2 1'
#
loop_
_entity.id
_entity.type
_entity.pdbx_description
1 polymer 'tRNA N6-adenosine threonylcarbamoyltransferase'
2 polymer 'Gcp-like domain-containing protein'
3 non-polymer 'FE (III) ION'
4 non-polymer "ADENOSINE-5'-DIPHOSPHATE"
5 non-polymer DI(HYDROXYETHYL)ETHER
6 water water
#
loop_
_entity_poly.entity_id
_entity_poly.type
_entity_poly.pdbx_seq_one_letter_code
_entity_poly.pdbx_strand_id
1 'polypeptide(L)'
;MRTLAVETS(CSO)DETALAIYDDQKGVLGNVILSQAVVHSPFGGVVPELSAREHTRNILPIFDRLLKESRINLEEIDFI
SFTLTPGLILSLVVGVAFAKALAYEYRKPLVPVHHLEGHIYSVFLEKKVEYPFLALIISGGHTDLYLVRDFGRYDFLGGT
LDDAVGEAYDKVAKMLGLGYPGGPIIDRLAKEGKKLYPLPKPLMEEGNLNFSFSGLKTAILNLLKKEKNVRKEDIAYSFQ
ETVVEILLEKSLWAMKKTGIKRLVVVGGVSANSRLREVFKKASQEYGFELYIPHPSLSTDNALMIAYAGMERFKRGVVAP
LDVNPQPNIPLEEFGRIWT
;
A
2 'polypeptide(L)'
;MKILSIDTSFSFINFSVIEEEKVTFLHYLKSNKKTLELLPKIFEELCIRPENFDAFAVSVGVGYLTSLRIGVTFVKTWAY
TLGKPVVSYKNLELLAKKTPVPFPKIPYLKVGSNVFYQIFEESSSSEVKVFKGEELRGYGISLKEFEDIKLGEKQFFHDI
FPFSAYGGIYAYEFLKENPEGENVFEIEPIYVKPPYHVKD
;
B
#
loop_
_chem_comp.id
_chem_comp.type
_chem_comp.name
_chem_comp.formula
ADP non-polymer ADENOSINE-5'-DIPHOSPHATE 'C10 H15 N5 O10 P2'
FE non-polymer 'FE (III) ION' 'Fe 3'
PEG non-polymer DI(HYDROXYETHYL)ETHER 'C4 H10 O3'
#
# COMPACT_ATOMS: atom_id res chain seq x y z
N MET A 1 14.56 3.52 -22.01
CA MET A 1 14.51 3.11 -20.61
C MET A 1 13.08 2.79 -20.19
N ARG A 2 12.93 1.82 -19.30
CA ARG A 2 11.59 1.29 -19.01
C ARG A 2 11.53 0.83 -17.56
N THR A 3 10.40 1.15 -16.91
CA THR A 3 10.16 0.81 -15.51
C THR A 3 8.74 0.32 -15.32
N LEU A 4 8.60 -0.64 -14.42
CA LEU A 4 7.31 -1.03 -13.87
C LEU A 4 7.18 -0.36 -12.51
N ALA A 5 6.10 0.40 -12.31
CA ALA A 5 5.88 1.20 -11.11
C ALA A 5 4.74 0.63 -10.28
N VAL A 6 4.87 0.76 -8.96
CA VAL A 6 3.99 0.12 -7.98
C VAL A 6 3.57 1.18 -6.97
N GLU A 7 2.27 1.37 -6.79
CA GLU A 7 1.71 2.35 -5.86
C GLU A 7 0.61 1.69 -5.05
N THR A 8 0.80 1.62 -3.72
CA THR A 8 -0.20 1.07 -2.80
C THR A 8 -0.20 1.86 -1.49
N SER A 9 0.08 3.16 -1.56
CA SER A 9 0.23 3.98 -0.36
C SER A 9 -1.07 4.21 0.41
N CSO A 10 -2.22 4.14 -0.27
CA CSO A 10 -3.47 4.46 0.42
CB CSO A 10 -3.91 5.91 0.10
SG CSO A 10 -5.30 6.38 1.17
C CSO A 10 -4.60 3.48 0.10
O CSO A 10 -4.51 2.27 0.35
OD CSO A 10 -4.73 6.67 2.82
N ASP A 11 -5.50 3.86 -0.80
CA ASP A 11 -6.67 3.04 -1.09
C ASP A 11 -6.84 2.76 -2.58
N GLU A 12 -5.75 2.91 -3.35
CA GLU A 12 -5.73 2.50 -4.74
C GLU A 12 -4.56 1.55 -4.97
N THR A 13 -4.83 0.43 -5.62
CA THR A 13 -3.78 -0.46 -6.10
C THR A 13 -3.52 -0.08 -7.55
N ALA A 14 -2.31 0.41 -7.83
CA ALA A 14 -1.99 0.99 -9.13
C ALA A 14 -0.65 0.44 -9.60
N LEU A 15 -0.65 -0.11 -10.81
CA LEU A 15 0.55 -0.55 -11.50
C LEU A 15 0.61 0.12 -12.87
N ALA A 16 1.83 0.39 -13.33
CA ALA A 16 1.99 1.02 -14.64
C ALA A 16 3.35 0.65 -15.22
N ILE A 17 3.45 0.70 -16.55
CA ILE A 17 4.71 0.53 -17.25
C ILE A 17 4.95 1.76 -18.12
N TYR A 18 6.11 2.39 -17.94
CA TYR A 18 6.46 3.65 -18.59
C TYR A 18 7.82 3.54 -19.27
N ASP A 19 7.88 3.97 -20.52
CA ASP A 19 9.09 3.95 -21.34
C ASP A 19 9.45 5.38 -21.68
N ASP A 20 10.70 5.77 -21.42
CA ASP A 20 10.99 7.19 -21.61
C ASP A 20 11.07 7.59 -23.08
N GLN A 21 11.12 6.62 -24.00
CA GLN A 21 11.03 6.88 -25.42
C GLN A 21 9.63 6.66 -25.99
N LYS A 22 8.95 5.59 -25.58
CA LYS A 22 7.62 5.27 -26.10
C LYS A 22 6.47 5.76 -25.22
N GLY A 23 6.74 6.27 -24.02
CA GLY A 23 5.64 6.74 -23.19
C GLY A 23 4.96 5.60 -22.44
N VAL A 24 3.64 5.71 -22.27
CA VAL A 24 2.90 4.75 -21.47
C VAL A 24 2.77 3.44 -22.24
N LEU A 25 3.22 2.35 -21.63
CA LEU A 25 3.01 1.01 -22.18
C LEU A 25 1.91 0.26 -21.45
N GLY A 26 1.59 0.62 -20.21
CA GLY A 26 0.50 0.00 -19.48
C GLY A 26 0.15 0.83 -18.27
N ASN A 27 -1.06 0.61 -17.78
CA ASN A 27 -1.60 1.42 -16.70
C ASN A 27 -2.90 0.82 -16.20
N VAL A 28 -2.88 0.26 -15.00
CA VAL A 28 -4.05 -0.40 -14.42
C VAL A 28 -4.24 0.11 -13.01
N ILE A 29 -5.48 0.39 -12.64
CA ILE A 29 -5.76 0.83 -11.27
C ILE A 29 -7.09 0.24 -10.84
N LEU A 30 -7.15 -0.16 -9.57
CA LEU A 30 -8.37 -0.57 -8.89
C LEU A 30 -8.52 0.34 -7.66
N SER A 31 -9.66 1.02 -7.57
CA SER A 31 -9.96 1.83 -6.40
C SER A 31 -10.69 0.99 -5.35
N GLN A 32 -10.51 1.38 -4.09
CA GLN A 32 -11.19 0.71 -2.98
C GLN A 32 -12.34 1.55 -2.45
N ALA A 33 -12.78 2.57 -3.21
CA ALA A 33 -13.82 3.46 -2.74
C ALA A 33 -15.09 2.68 -2.36
N VAL A 34 -15.45 1.68 -3.16
CA VAL A 34 -16.66 0.89 -2.89
C VAL A 34 -16.59 0.28 -1.50
N VAL A 35 -15.45 -0.31 -1.13
CA VAL A 35 -15.38 -1.07 0.12
C VAL A 35 -15.21 -0.16 1.34
N HIS A 36 -14.57 1.01 1.18
CA HIS A 36 -14.41 1.92 2.30
C HIS A 36 -15.63 2.81 2.53
N SER A 37 -16.54 2.89 1.56
CA SER A 37 -17.67 3.80 1.66
C SER A 37 -18.58 3.56 2.87
N PRO A 38 -18.86 2.32 3.29
CA PRO A 38 -19.70 2.14 4.50
C PRO A 38 -19.07 2.66 5.80
N PHE A 39 -17.82 3.11 5.77
CA PHE A 39 -17.12 3.57 6.96
C PHE A 39 -16.91 5.07 6.99
N GLY A 40 -17.23 5.78 5.91
CA GLY A 40 -17.01 7.21 5.84
C GLY A 40 -15.55 7.59 5.86
N GLY A 41 -14.69 6.60 5.69
CA GLY A 41 -13.24 6.75 5.76
C GLY A 41 -12.59 5.50 5.23
N VAL A 42 -11.25 5.51 5.26
CA VAL A 42 -10.44 4.37 4.86
C VAL A 42 -10.02 3.59 6.11
N VAL A 43 -10.44 2.33 6.20
CA VAL A 43 -10.05 1.45 7.29
C VAL A 43 -8.71 0.80 6.94
N PRO A 44 -7.64 1.04 7.71
CA PRO A 44 -6.29 0.52 7.35
C PRO A 44 -6.19 -0.99 7.17
N GLU A 45 -6.58 -1.77 8.17
CA GLU A 45 -6.51 -3.23 8.03
C GLU A 45 -7.28 -3.70 6.80
N LEU A 46 -8.49 -3.17 6.58
CA LEU A 46 -9.28 -3.58 5.43
C LEU A 46 -8.57 -3.23 4.13
N SER A 47 -7.96 -2.05 4.07
CA SER A 47 -7.24 -1.62 2.87
C SER A 47 -6.10 -2.59 2.56
N ALA A 48 -5.38 -3.04 3.60
CA ALA A 48 -4.27 -3.97 3.41
C ALA A 48 -4.76 -5.27 2.79
N ARG A 49 -5.90 -5.79 3.28
CA ARG A 49 -6.43 -7.04 2.71
C ARG A 49 -6.82 -6.87 1.25
N GLU A 50 -7.41 -5.73 0.88
CA GLU A 50 -7.82 -5.51 -0.50
C GLU A 50 -6.61 -5.44 -1.43
N HIS A 51 -5.59 -4.66 -1.06
CA HIS A 51 -4.36 -4.67 -1.85
C HIS A 51 -3.85 -6.10 -2.06
N THR A 52 -3.83 -6.91 -1.00
CA THR A 52 -3.29 -8.26 -1.14
C THR A 52 -4.11 -9.09 -2.11
N ARG A 53 -5.45 -8.95 -2.09
CA ARG A 53 -6.28 -9.71 -3.02
C ARG A 53 -6.16 -9.18 -4.44
N ASN A 54 -6.14 -7.86 -4.58
CA ASN A 54 -6.24 -7.26 -5.90
C ASN A 54 -4.91 -7.14 -6.65
N ILE A 55 -3.75 -7.23 -5.98
CA ILE A 55 -2.51 -6.85 -6.68
C ILE A 55 -2.18 -7.85 -7.78
N LEU A 56 -2.40 -9.15 -7.54
CA LEU A 56 -2.09 -10.13 -8.57
C LEU A 56 -3.06 -10.06 -9.76
N PRO A 57 -4.39 -9.99 -9.56
CA PRO A 57 -5.27 -9.79 -10.74
C PRO A 57 -4.95 -8.54 -11.53
N ILE A 58 -4.60 -7.45 -10.86
CA ILE A 58 -4.26 -6.21 -11.56
C ILE A 58 -3.01 -6.41 -12.40
N PHE A 59 -2.02 -7.10 -11.85
CA PHE A 59 -0.78 -7.41 -12.56
C PHE A 59 -1.06 -8.24 -13.79
N ASP A 60 -1.89 -9.27 -13.63
CA ASP A 60 -2.30 -10.09 -14.77
C ASP A 60 -2.91 -9.24 -15.88
N ARG A 61 -3.80 -8.32 -15.52
CA ARG A 61 -4.38 -7.43 -16.53
C ARG A 61 -3.31 -6.56 -17.16
N LEU A 62 -2.41 -6.01 -16.35
CA LEU A 62 -1.34 -5.16 -16.89
C LEU A 62 -0.48 -5.91 -17.90
N LEU A 63 -0.21 -7.19 -17.63
CA LEU A 63 0.68 -7.95 -18.51
C LEU A 63 -0.01 -8.28 -19.82
N LYS A 64 -1.30 -8.59 -19.77
CA LYS A 64 -2.03 -8.94 -20.98
C LYS A 64 -2.31 -7.72 -21.84
N GLU A 65 -2.61 -6.58 -21.22
CA GLU A 65 -2.87 -5.37 -21.97
C GLU A 65 -1.59 -4.83 -22.59
N SER A 66 -0.51 -4.79 -21.80
CA SER A 66 0.73 -4.18 -22.28
C SER A 66 1.50 -5.09 -23.21
N ARG A 67 1.40 -6.41 -23.02
CA ARG A 67 2.17 -7.38 -23.79
C ARG A 67 3.67 -7.19 -23.61
N ILE A 68 4.10 -6.69 -22.44
CA ILE A 68 5.51 -6.52 -22.15
C ILE A 68 5.99 -7.73 -21.37
N ASN A 69 7.27 -8.08 -21.55
CA ASN A 69 7.91 -9.07 -20.70
C ASN A 69 8.67 -8.36 -19.59
N LEU A 70 8.57 -8.91 -18.38
CA LEU A 70 9.31 -8.37 -17.24
C LEU A 70 10.82 -8.35 -17.52
N GLU A 71 11.32 -9.28 -18.35
CA GLU A 71 12.75 -9.31 -18.62
C GLU A 71 13.21 -8.01 -19.28
N GLU A 72 12.30 -7.31 -19.95
CA GLU A 72 12.53 -6.06 -20.67
C GLU A 72 12.41 -4.82 -19.80
N ILE A 73 12.10 -4.97 -18.52
CA ILE A 73 12.02 -3.84 -17.59
C ILE A 73 13.40 -3.56 -17.03
N ASP A 74 13.80 -2.29 -17.00
CA ASP A 74 15.15 -1.98 -16.52
C ASP A 74 15.22 -1.86 -15.01
N PHE A 75 14.17 -1.37 -14.36
CA PHE A 75 14.18 -1.20 -12.92
C PHE A 75 12.73 -1.09 -12.43
N ILE A 76 12.53 -1.43 -11.16
CA ILE A 76 11.20 -1.38 -10.54
C ILE A 76 11.12 -0.13 -9.67
N SER A 77 10.14 0.73 -9.97
CA SER A 77 9.83 1.93 -9.19
C SER A 77 8.67 1.67 -8.23
N PHE A 78 8.71 2.30 -7.05
CA PHE A 78 7.66 1.99 -6.08
C PHE A 78 7.60 3.06 -5.00
N THR A 79 6.39 3.26 -4.47
CA THR A 79 6.14 4.24 -3.42
C THR A 79 6.58 3.68 -2.08
N LEU A 80 7.53 4.35 -1.44
CA LEU A 80 8.11 3.90 -0.19
C LEU A 80 7.44 4.53 1.02
N THR A 81 6.86 5.72 0.84
CA THR A 81 6.38 6.61 1.89
C THR A 81 5.81 7.85 1.21
N PRO A 82 4.91 8.59 1.86
CA PRO A 82 4.18 8.27 3.08
C PRO A 82 2.93 7.47 2.75
N GLY A 83 2.20 7.03 3.76
CA GLY A 83 0.96 6.33 3.52
C GLY A 83 0.60 5.45 4.70
N LEU A 84 -0.43 4.63 4.48
CA LEU A 84 -0.82 3.62 5.45
C LEU A 84 0.20 2.49 5.41
N ILE A 85 0.89 2.29 6.52
CA ILE A 85 2.02 1.37 6.50
C ILE A 85 1.57 -0.03 6.11
N LEU A 86 0.37 -0.46 6.55
CA LEU A 86 -0.06 -1.81 6.23
C LEU A 86 -0.32 -1.99 4.73
N SER A 87 -0.77 -0.93 4.06
CA SER A 87 -0.96 -1.01 2.62
C SER A 87 0.37 -0.88 1.88
N LEU A 88 1.24 0.01 2.39
CA LEU A 88 2.54 0.21 1.76
C LEU A 88 3.32 -1.10 1.64
N VAL A 89 3.29 -1.93 2.69
CA VAL A 89 4.14 -3.12 2.65
C VAL A 89 3.66 -4.10 1.58
N VAL A 90 2.38 -4.09 1.22
CA VAL A 90 1.93 -5.00 0.16
C VAL A 90 2.58 -4.63 -1.17
N GLY A 91 2.55 -3.35 -1.52
CA GLY A 91 3.19 -2.92 -2.75
C GLY A 91 4.69 -3.10 -2.72
N VAL A 92 5.31 -2.83 -1.56
CA VAL A 92 6.76 -2.98 -1.49
C VAL A 92 7.14 -4.44 -1.61
N ALA A 93 6.40 -5.32 -0.93
CA ALA A 93 6.63 -6.76 -1.05
C ALA A 93 6.56 -7.22 -2.51
N PHE A 94 5.52 -6.77 -3.23
CA PHE A 94 5.36 -7.15 -4.64
C PHE A 94 6.49 -6.63 -5.49
N ALA A 95 6.95 -5.40 -5.25
CA ALA A 95 8.04 -4.83 -6.03
C ALA A 95 9.34 -5.58 -5.77
N LYS A 96 9.64 -5.87 -4.51
CA LYS A 96 10.88 -6.55 -4.20
C LYS A 96 10.85 -8.00 -4.65
N ALA A 97 9.67 -8.65 -4.56
CA ALA A 97 9.49 -9.96 -5.18
C ALA A 97 9.93 -9.97 -6.63
N LEU A 98 9.41 -9.02 -7.44
CA LEU A 98 9.77 -8.99 -8.86
C LEU A 98 11.22 -8.60 -9.06
N ALA A 99 11.70 -7.64 -8.26
CA ALA A 99 13.07 -7.16 -8.43
C ALA A 99 14.07 -8.28 -8.15
N TYR A 100 13.84 -9.08 -7.11
CA TYR A 100 14.75 -10.18 -6.81
C TYR A 100 14.64 -11.28 -7.85
N GLU A 101 13.41 -11.60 -8.26
CA GLU A 101 13.18 -12.66 -9.24
C GLU A 101 13.84 -12.34 -10.58
N TYR A 102 13.66 -11.12 -11.07
CA TYR A 102 14.17 -10.73 -12.38
C TYR A 102 15.51 -10.01 -12.32
N ARG A 103 16.10 -9.88 -11.12
CA ARG A 103 17.40 -9.23 -10.95
C ARG A 103 17.40 -7.81 -11.52
N LYS A 104 16.44 -7.01 -11.07
CA LYS A 104 16.30 -5.64 -11.50
C LYS A 104 16.48 -4.70 -10.31
N PRO A 105 17.02 -3.49 -10.54
CA PRO A 105 17.18 -2.54 -9.44
C PRO A 105 15.84 -2.08 -8.89
N LEU A 106 15.89 -1.58 -7.66
CA LEU A 106 14.76 -1.04 -6.93
C LEU A 106 14.97 0.46 -6.78
N VAL A 107 13.93 1.24 -7.03
CA VAL A 107 14.07 2.69 -7.01
C VAL A 107 12.89 3.24 -6.20
N PRO A 108 13.13 3.78 -5.01
CA PRO A 108 12.05 4.28 -4.18
C PRO A 108 11.60 5.66 -4.62
N VAL A 109 10.32 5.94 -4.36
CA VAL A 109 9.70 7.23 -4.70
C VAL A 109 8.84 7.67 -3.52
N HIS A 110 8.87 8.97 -3.22
CA HIS A 110 7.97 9.57 -2.25
C HIS A 110 6.65 9.90 -2.92
N HIS A 111 5.53 9.62 -2.23
CA HIS A 111 4.24 9.72 -2.90
C HIS A 111 3.95 11.14 -3.37
N LEU A 112 4.30 12.15 -2.59
CA LEU A 112 4.07 13.53 -3.04
C LEU A 112 5.05 13.91 -4.14
N GLU A 113 6.23 13.30 -4.15
CA GLU A 113 7.13 13.44 -5.28
C GLU A 113 6.48 12.94 -6.56
N GLY A 114 5.69 11.86 -6.45
CA GLY A 114 4.95 11.38 -7.61
C GLY A 114 3.96 12.42 -8.12
N HIS A 115 3.20 13.01 -7.20
CA HIS A 115 2.24 14.04 -7.59
C HIS A 115 2.92 15.20 -8.32
N ILE A 116 4.06 15.67 -7.79
CA ILE A 116 4.80 16.74 -8.46
C ILE A 116 5.09 16.38 -9.91
N TYR A 117 5.68 15.20 -10.12
CA TYR A 117 6.08 14.82 -11.48
C TYR A 117 4.93 14.28 -12.31
N SER A 118 3.69 14.28 -11.79
CA SER A 118 2.57 13.84 -12.59
C SER A 118 2.36 14.74 -13.80
N VAL A 119 2.68 16.04 -13.71
CA VAL A 119 2.55 16.91 -14.86
C VAL A 119 3.67 16.73 -15.87
N PHE A 120 4.82 16.21 -15.45
CA PHE A 120 5.92 16.06 -16.40
C PHE A 120 5.58 15.03 -17.46
N LEU A 121 4.58 14.19 -17.21
CA LEU A 121 4.19 13.20 -18.20
C LEU A 121 3.69 13.87 -19.48
N GLU A 122 3.11 15.07 -19.34
CA GLU A 122 2.65 15.83 -20.49
C GLU A 122 3.61 16.93 -20.91
N LYS A 123 4.33 17.55 -19.97
CA LYS A 123 5.25 18.63 -20.31
C LYS A 123 6.24 18.85 -19.18
N LYS A 124 7.54 18.88 -19.52
CA LYS A 124 8.59 19.15 -18.54
C LYS A 124 8.50 20.58 -18.03
N VAL A 125 8.66 20.77 -16.72
CA VAL A 125 8.60 22.09 -16.12
C VAL A 125 10.02 22.53 -15.79
N GLU A 126 10.38 23.76 -16.17
CA GLU A 126 11.70 24.30 -15.85
C GLU A 126 11.84 24.56 -14.36
N TYR A 127 13.02 24.26 -13.84
CA TYR A 127 13.35 24.59 -12.46
C TYR A 127 13.88 26.01 -12.36
N PRO A 128 13.60 26.72 -11.25
CA PRO A 128 12.79 26.27 -10.12
C PRO A 128 11.29 26.48 -10.39
N PHE A 129 10.41 25.81 -9.66
CA PHE A 129 8.98 26.07 -9.77
C PHE A 129 8.32 25.84 -8.42
N LEU A 130 7.12 26.38 -8.27
CA LEU A 130 6.34 26.15 -7.07
C LEU A 130 5.40 24.97 -7.29
N ALA A 131 5.19 24.17 -6.25
CA ALA A 131 4.24 23.05 -6.30
C ALA A 131 3.22 23.23 -5.19
N LEU A 132 1.94 23.27 -5.57
CA LEU A 132 0.81 23.23 -4.67
C LEU A 132 0.24 21.82 -4.74
N ILE A 133 0.33 21.09 -3.63
CA ILE A 133 -0.06 19.69 -3.55
C ILE A 133 -1.32 19.59 -2.70
N ILE A 134 -2.41 19.13 -3.30
CA ILE A 134 -3.72 19.19 -2.67
C ILE A 134 -4.37 17.82 -2.83
N SER A 135 -4.41 17.06 -1.76
CA SER A 135 -4.86 15.68 -1.78
C SER A 135 -5.85 15.48 -0.63
N GLY A 136 -6.11 14.21 -0.28
CA GLY A 136 -6.98 13.93 0.84
C GLY A 136 -6.38 14.34 2.17
N GLY A 137 -5.05 14.35 2.28
CA GLY A 137 -4.42 14.58 3.57
C GLY A 137 -3.28 15.57 3.53
N HIS A 138 -3.05 16.16 2.38
CA HIS A 138 -2.01 17.17 2.24
C HIS A 138 -2.56 18.39 1.53
N THR A 139 -2.14 19.57 2.00
CA THR A 139 -2.34 20.83 1.31
C THR A 139 -1.05 21.59 1.57
N ASP A 140 -0.08 21.40 0.69
CA ASP A 140 1.28 21.90 0.88
C ASP A 140 1.70 22.79 -0.28
N LEU A 141 2.58 23.72 0.04
CA LEU A 141 3.33 24.49 -0.94
C LEU A 141 4.80 24.16 -0.78
N TYR A 142 5.44 23.75 -1.88
CA TYR A 142 6.87 23.49 -1.92
C TYR A 142 7.52 24.30 -3.02
N LEU A 143 8.75 24.74 -2.76
CA LEU A 143 9.63 25.32 -3.78
C LEU A 143 10.55 24.21 -4.26
N VAL A 144 10.40 23.80 -5.52
CA VAL A 144 11.19 22.72 -6.08
C VAL A 144 12.35 23.33 -6.87
N ARG A 145 13.57 23.13 -6.38
CA ARG A 145 14.76 23.70 -7.02
C ARG A 145 15.42 22.76 -8.01
N ASP A 146 15.13 21.47 -7.91
CA ASP A 146 15.71 20.41 -8.73
C ASP A 146 15.01 19.13 -8.32
N PHE A 147 15.20 18.08 -9.10
CA PHE A 147 14.74 16.79 -8.64
C PHE A 147 15.45 16.46 -7.33
N GLY A 148 14.68 15.99 -6.35
CA GLY A 148 15.20 15.66 -5.04
C GLY A 148 15.37 16.81 -4.09
N ARG A 149 15.12 18.04 -4.53
CA ARG A 149 15.41 19.26 -3.76
C ARG A 149 14.12 20.07 -3.59
N TYR A 150 13.39 19.80 -2.50
CA TYR A 150 12.07 20.36 -2.27
C TYR A 150 12.07 21.15 -0.97
N ASP A 151 11.88 22.47 -1.05
CA ASP A 151 11.86 23.34 0.14
C ASP A 151 10.43 23.50 0.62
N PHE A 152 10.16 23.09 1.87
CA PHE A 152 8.79 23.19 2.40
C PHE A 152 8.46 24.65 2.71
N LEU A 153 7.37 25.16 2.15
CA LEU A 153 6.97 26.55 2.37
C LEU A 153 5.76 26.71 3.28
N GLY A 154 4.85 25.76 3.30
CA GLY A 154 3.68 25.88 4.13
C GLY A 154 2.76 24.70 3.89
N GLY A 155 1.85 24.50 4.84
CA GLY A 155 0.90 23.39 4.80
C GLY A 155 -0.24 23.66 5.75
N THR A 156 -1.16 22.68 5.83
CA THR A 156 -2.37 22.88 6.61
C THR A 156 -2.09 22.86 8.12
N LEU A 157 -2.70 23.79 8.84
CA LEU A 157 -2.67 23.82 10.29
C LEU A 157 -3.79 23.02 10.92
N ASP A 158 -4.72 22.47 10.12
CA ASP A 158 -5.72 21.55 10.65
C ASP A 158 -6.10 20.55 9.57
N ASP A 159 -7.21 20.79 8.86
CA ASP A 159 -7.66 19.90 7.81
C ASP A 159 -7.01 20.24 6.48
N ALA A 160 -6.61 19.20 5.74
CA ALA A 160 -6.31 19.35 4.33
C ALA A 160 -7.60 19.58 3.55
N VAL A 161 -7.44 20.11 2.33
CA VAL A 161 -8.61 20.48 1.52
C VAL A 161 -9.46 19.26 1.22
N GLY A 162 -8.84 18.14 0.89
CA GLY A 162 -9.61 16.93 0.60
C GLY A 162 -10.47 16.50 1.77
N GLU A 163 -9.92 16.54 2.99
CA GLU A 163 -10.71 16.24 4.18
C GLU A 163 -11.83 17.23 4.39
N ALA A 164 -11.60 18.51 4.08
CA ALA A 164 -12.65 19.51 4.25
C ALA A 164 -13.84 19.21 3.34
N TYR A 165 -13.58 18.80 2.11
CA TYR A 165 -14.65 18.38 1.22
C TYR A 165 -15.43 17.21 1.82
N ASP A 166 -14.70 16.24 2.38
CA ASP A 166 -15.33 15.06 2.97
C ASP A 166 -16.23 15.43 4.15
N LYS A 167 -15.75 16.30 5.04
CA LYS A 167 -16.57 16.71 6.18
C LYS A 167 -17.78 17.52 5.73
N VAL A 168 -17.63 18.39 4.74
CA VAL A 168 -18.75 19.18 4.27
C VAL A 168 -19.78 18.30 3.56
N ALA A 169 -19.32 17.29 2.82
CA ALA A 169 -20.25 16.40 2.14
C ALA A 169 -21.02 15.54 3.15
N LYS A 170 -20.31 14.96 4.12
CA LYS A 170 -20.98 14.22 5.18
C LYS A 170 -21.94 15.12 5.95
N MET A 171 -21.46 16.29 6.38
CA MET A 171 -22.30 17.23 7.10
C MET A 171 -23.59 17.55 6.35
N LEU A 172 -23.55 17.54 5.02
CA LEU A 172 -24.74 17.68 4.19
C LEU A 172 -25.41 16.34 3.91
N GLY A 173 -24.86 15.23 4.41
CA GLY A 173 -25.34 13.90 4.08
C GLY A 173 -25.36 13.65 2.59
N LEU A 174 -24.24 13.20 2.02
CA LEU A 174 -24.14 13.09 0.57
C LEU A 174 -23.32 11.91 0.06
N GLY A 175 -22.43 11.37 0.88
CA GLY A 175 -21.56 10.29 0.44
C GLY A 175 -20.09 10.62 0.56
N TYR A 176 -19.21 9.62 0.52
CA TYR A 176 -17.80 9.84 0.81
C TYR A 176 -16.87 9.21 -0.24
N PRO A 177 -16.77 9.82 -1.39
CA PRO A 177 -15.62 10.68 -1.63
C PRO A 177 -16.21 12.07 -1.75
N GLY A 178 -15.95 13.01 -0.82
CA GLY A 178 -16.73 14.24 -0.81
C GLY A 178 -16.45 15.18 -1.97
N GLY A 179 -15.19 15.24 -2.43
CA GLY A 179 -14.79 16.17 -3.45
C GLY A 179 -15.65 16.18 -4.71
N PRO A 180 -15.69 15.04 -5.43
CA PRO A 180 -16.48 14.99 -6.66
C PRO A 180 -17.95 15.30 -6.47
N ILE A 181 -18.52 14.93 -5.32
CA ILE A 181 -19.95 15.22 -5.11
C ILE A 181 -20.16 16.72 -4.98
N ILE A 182 -19.26 17.41 -4.27
CA ILE A 182 -19.42 18.85 -4.09
C ILE A 182 -19.13 19.59 -5.39
N ASP A 183 -18.07 19.18 -6.09
CA ASP A 183 -17.74 19.75 -7.41
C ASP A 183 -18.96 19.76 -8.31
N ARG A 184 -19.66 18.62 -8.40
CA ARG A 184 -20.83 18.54 -9.26
C ARG A 184 -21.99 19.34 -8.69
N LEU A 185 -22.24 19.21 -7.38
CA LEU A 185 -23.39 19.89 -6.79
C LEU A 185 -23.23 21.42 -6.80
N ALA A 186 -22.00 21.91 -6.69
CA ALA A 186 -21.77 23.36 -6.61
C ALA A 186 -22.12 24.09 -7.89
N LYS A 187 -22.12 23.40 -9.03
CA LYS A 187 -22.51 24.02 -10.28
C LYS A 187 -23.92 24.60 -10.24
N GLU A 188 -24.75 24.14 -9.29
CA GLU A 188 -26.14 24.59 -9.21
C GLU A 188 -26.36 25.83 -8.35
N GLY A 189 -25.41 26.18 -7.48
CA GLY A 189 -25.64 27.13 -6.41
C GLY A 189 -26.11 28.53 -6.78
N LYS A 190 -25.29 29.27 -7.54
CA LYS A 190 -25.53 30.63 -7.99
C LYS A 190 -25.31 31.69 -6.90
N LYS A 191 -25.96 31.55 -5.74
CA LYS A 191 -25.86 32.54 -4.66
C LYS A 191 -24.78 32.15 -3.66
N LEU A 192 -23.79 33.03 -3.47
CA LEU A 192 -22.62 32.77 -2.62
C LEU A 192 -22.83 33.45 -1.27
N TYR A 193 -23.18 32.66 -0.26
CA TYR A 193 -23.27 33.18 1.10
C TYR A 193 -21.86 33.27 1.70
N PRO A 194 -21.37 34.46 2.04
CA PRO A 194 -19.96 34.60 2.45
C PRO A 194 -19.64 33.83 3.72
N LEU A 195 -18.35 33.52 3.87
CA LEU A 195 -17.81 32.68 4.92
C LEU A 195 -16.58 33.30 5.55
N PRO A 196 -16.30 33.00 6.82
CA PRO A 196 -15.19 33.67 7.50
C PRO A 196 -13.83 33.10 7.10
N LYS A 197 -12.82 33.95 7.25
CA LYS A 197 -11.44 33.61 6.95
C LYS A 197 -10.72 33.14 8.21
N PRO A 198 -9.60 32.43 8.05
CA PRO A 198 -8.82 32.00 9.22
C PRO A 198 -8.26 33.19 10.00
N LEU A 199 -7.73 32.89 11.18
CA LEU A 199 -7.21 33.92 12.08
C LEU A 199 -5.75 34.29 11.82
N MET A 200 -5.04 33.55 10.97
CA MET A 200 -3.65 33.91 10.68
C MET A 200 -3.59 35.12 9.75
N GLU A 201 -2.44 35.79 9.78
CA GLU A 201 -2.27 37.06 9.08
C GLU A 201 -2.00 36.84 7.59
N GLU A 202 -2.27 37.89 6.81
CA GLU A 202 -2.03 37.82 5.37
C GLU A 202 -0.53 37.70 5.08
N GLY A 203 -0.21 36.93 4.04
CA GLY A 203 1.16 36.66 3.68
C GLY A 203 1.72 35.37 4.25
N ASN A 204 1.11 34.84 5.30
CA ASN A 204 1.48 33.54 5.81
C ASN A 204 1.14 32.48 4.77
N LEU A 205 2.07 31.55 4.52
CA LEU A 205 1.86 30.54 3.49
C LEU A 205 1.27 29.25 4.05
N ASN A 206 0.77 29.23 5.28
CA ASN A 206 0.09 28.04 5.78
C ASN A 206 -1.40 28.14 5.49
N PHE A 207 -2.09 27.03 5.72
CA PHE A 207 -3.50 26.88 5.36
C PHE A 207 -4.33 26.50 6.58
N SER A 208 -5.60 26.92 6.55
CA SER A 208 -6.59 26.51 7.55
C SER A 208 -7.95 26.39 6.87
N PHE A 209 -8.65 25.29 7.16
CA PHE A 209 -9.96 25.03 6.55
C PHE A 209 -11.03 24.53 7.53
N SER A 210 -10.66 24.00 8.69
CA SER A 210 -11.64 23.27 9.51
C SER A 210 -12.66 24.20 10.18
N GLY A 211 -12.35 25.50 10.28
CA GLY A 211 -13.30 26.43 10.86
C GLY A 211 -14.51 26.70 10.00
N LEU A 212 -14.44 26.35 8.71
CA LEU A 212 -15.60 26.52 7.84
C LEU A 212 -16.74 25.60 8.23
N LYS A 213 -16.42 24.42 8.77
CA LYS A 213 -17.46 23.52 9.29
C LYS A 213 -18.24 24.17 10.42
N THR A 214 -17.59 25.05 11.18
CA THR A 214 -18.29 25.82 12.20
C THR A 214 -19.29 26.78 11.55
N ALA A 215 -18.87 27.51 10.53
CA ALA A 215 -19.77 28.46 9.89
C ALA A 215 -20.81 27.76 9.02
N ILE A 216 -20.53 26.55 8.55
CA ILE A 216 -21.52 25.82 7.76
C ILE A 216 -22.71 25.43 8.64
N LEU A 217 -22.42 24.85 9.82
CA LEU A 217 -23.49 24.54 10.75
C LEU A 217 -24.26 25.78 11.15
N ASN A 218 -23.55 26.87 11.45
CA ASN A 218 -24.15 28.16 11.81
C ASN A 218 -24.89 28.81 10.64
N LEU A 219 -25.08 28.13 9.51
CA LEU A 219 -25.86 28.65 8.40
C LEU A 219 -26.97 27.67 8.03
N ARG A 227 -30.95 25.51 0.98
CA ARG A 227 -30.24 25.91 -0.23
C ARG A 227 -28.92 25.12 -0.35
N LYS A 228 -29.04 23.79 -0.43
CA LYS A 228 -27.88 22.91 -0.34
C LYS A 228 -26.87 23.19 -1.45
N GLU A 229 -27.36 23.42 -2.67
CA GLU A 229 -26.47 23.69 -3.79
C GLU A 229 -25.70 25.00 -3.59
N ASP A 230 -26.28 25.97 -2.89
CA ASP A 230 -25.55 27.19 -2.57
C ASP A 230 -24.54 26.94 -1.45
N ILE A 231 -24.80 25.97 -0.58
CA ILE A 231 -23.82 25.61 0.44
C ILE A 231 -22.57 25.03 -0.20
N ALA A 232 -22.73 24.02 -1.07
CA ALA A 232 -21.60 23.49 -1.83
C ALA A 232 -20.89 24.59 -2.59
N TYR A 233 -21.67 25.45 -3.27
CA TYR A 233 -21.09 26.52 -4.07
C TYR A 233 -20.25 27.47 -3.20
N SER A 234 -20.78 27.87 -2.05
CA SER A 234 -20.10 28.87 -1.24
C SER A 234 -18.86 28.28 -0.58
N PHE A 235 -18.94 27.04 -0.10
CA PHE A 235 -17.78 26.34 0.43
C PHE A 235 -16.67 26.27 -0.62
N GLN A 236 -17.00 25.70 -1.79
CA GLN A 236 -16.02 25.51 -2.84
C GLN A 236 -15.38 26.82 -3.26
N GLU A 237 -16.18 27.90 -3.36
CA GLU A 237 -15.65 29.18 -3.81
C GLU A 237 -14.68 29.76 -2.78
N THR A 238 -14.99 29.59 -1.49
CA THR A 238 -14.11 30.09 -0.44
C THR A 238 -12.81 29.32 -0.42
N VAL A 239 -12.91 28.00 -0.58
CA VAL A 239 -11.75 27.12 -0.53
C VAL A 239 -10.81 27.39 -1.71
N VAL A 240 -11.36 27.40 -2.92
CA VAL A 240 -10.51 27.61 -4.10
C VAL A 240 -9.87 28.98 -4.05
N GLU A 241 -10.59 29.97 -3.53
CA GLU A 241 -10.03 31.32 -3.44
C GLU A 241 -8.89 31.36 -2.41
N ILE A 242 -9.02 30.62 -1.31
CA ILE A 242 -7.92 30.51 -0.35
C ILE A 242 -6.69 29.92 -1.04
N LEU A 243 -6.88 28.84 -1.79
CA LEU A 243 -5.76 28.18 -2.46
C LEU A 243 -5.07 29.13 -3.43
N LEU A 244 -5.85 29.92 -4.17
CA LEU A 244 -5.23 30.81 -5.16
C LEU A 244 -4.48 31.95 -4.48
N GLU A 245 -5.06 32.51 -3.43
CA GLU A 245 -4.41 33.62 -2.73
C GLU A 245 -3.08 33.20 -2.14
N LYS A 246 -3.04 32.06 -1.44
CA LYS A 246 -1.78 31.60 -0.88
C LYS A 246 -0.75 31.35 -1.97
N SER A 247 -1.17 30.83 -3.11
CA SER A 247 -0.24 30.57 -4.20
C SER A 247 0.31 31.88 -4.77
N LEU A 248 -0.56 32.88 -4.95
CA LEU A 248 -0.10 34.18 -5.39
C LEU A 248 0.89 34.77 -4.40
N TRP A 249 0.61 34.67 -3.10
CA TRP A 249 1.58 35.13 -2.10
C TRP A 249 2.90 34.38 -2.25
N ALA A 250 2.84 33.09 -2.53
CA ALA A 250 4.08 32.31 -2.64
C ALA A 250 4.91 32.74 -3.85
N MET A 251 4.26 33.02 -4.98
CA MET A 251 4.99 33.51 -6.16
C MET A 251 5.61 34.88 -5.91
N LYS A 252 4.91 35.76 -5.20
CA LYS A 252 5.48 37.06 -4.90
C LYS A 252 6.62 36.95 -3.90
N LYS A 253 6.48 36.09 -2.89
CA LYS A 253 7.55 35.93 -1.90
C LYS A 253 8.82 35.36 -2.53
N THR A 254 8.68 34.46 -3.50
CA THR A 254 9.81 33.73 -4.04
C THR A 254 10.34 34.29 -5.35
N GLY A 255 9.53 35.07 -6.07
CA GLY A 255 9.91 35.54 -7.40
C GLY A 255 9.63 34.56 -8.52
N ILE A 256 9.05 33.40 -8.22
CA ILE A 256 8.91 32.29 -9.17
C ILE A 256 7.53 32.37 -9.82
N LYS A 257 7.49 32.42 -11.14
CA LYS A 257 6.24 32.52 -11.88
C LYS A 257 5.89 31.22 -12.60
N ARG A 258 6.24 30.08 -12.00
CA ARG A 258 5.84 28.78 -12.52
C ARG A 258 5.19 28.03 -11.38
N LEU A 259 3.96 27.56 -11.62
CA LEU A 259 3.17 26.93 -10.57
C LEU A 259 2.64 25.60 -11.09
N VAL A 260 2.88 24.54 -10.31
CA VAL A 260 2.38 23.21 -10.55
C VAL A 260 1.31 22.93 -9.49
N VAL A 261 0.13 22.52 -9.95
CA VAL A 261 -0.99 22.22 -9.04
C VAL A 261 -1.35 20.76 -9.28
N VAL A 262 -1.18 19.94 -8.23
CA VAL A 262 -1.29 18.49 -8.37
C VAL A 262 -1.97 17.91 -7.14
N GLY A 263 -2.24 16.61 -7.22
CA GLY A 263 -3.03 15.93 -6.22
C GLY A 263 -4.48 15.78 -6.67
N GLY A 264 -5.21 14.93 -5.94
CA GLY A 264 -6.56 14.58 -6.35
C GLY A 264 -7.50 15.77 -6.43
N VAL A 265 -7.36 16.74 -5.52
CA VAL A 265 -8.20 17.94 -5.55
C VAL A 265 -7.87 18.81 -6.77
N SER A 266 -6.73 18.61 -7.41
CA SER A 266 -6.46 19.34 -8.64
C SER A 266 -7.34 18.86 -9.78
N ALA A 267 -8.13 17.81 -9.59
CA ALA A 267 -9.11 17.43 -10.61
C ALA A 267 -10.37 18.29 -10.56
N ASN A 268 -10.56 19.06 -9.49
CA ASN A 268 -11.78 19.85 -9.35
C ASN A 268 -11.92 20.84 -10.50
N SER A 269 -13.10 20.86 -11.12
CA SER A 269 -13.30 21.65 -12.33
C SER A 269 -13.28 23.15 -12.06
N ARG A 270 -13.75 23.57 -10.88
CA ARG A 270 -13.78 24.98 -10.54
C ARG A 270 -12.42 25.48 -10.10
N LEU A 271 -11.69 24.68 -9.31
CA LEU A 271 -10.28 24.99 -9.06
C LEU A 271 -9.56 25.25 -10.37
N ARG A 272 -9.76 24.37 -11.35
CA ARG A 272 -9.06 24.52 -12.62
C ARG A 272 -9.47 25.80 -13.33
N GLU A 273 -10.75 26.17 -13.26
CA GLU A 273 -11.18 27.46 -13.82
C GLU A 273 -10.41 28.60 -13.18
N VAL A 274 -10.35 28.61 -11.85
CA VAL A 274 -9.86 29.77 -11.13
C VAL A 274 -8.36 29.92 -11.31
N PHE A 275 -7.61 28.83 -11.22
CA PHE A 275 -6.17 28.95 -11.40
C PHE A 275 -5.83 29.27 -12.85
N LYS A 276 -6.55 28.69 -13.81
CA LYS A 276 -6.32 29.03 -15.21
C LYS A 276 -6.60 30.51 -15.45
N LYS A 277 -7.74 31.01 -14.94
CA LYS A 277 -8.06 32.41 -15.08
C LYS A 277 -6.94 33.27 -14.53
N ALA A 278 -6.45 32.92 -13.34
CA ALA A 278 -5.40 33.68 -12.70
C ALA A 278 -4.11 33.65 -13.51
N SER A 279 -3.78 32.50 -14.11
CA SER A 279 -2.59 32.46 -14.96
C SER A 279 -2.77 33.37 -16.18
N GLN A 280 -3.97 33.45 -16.71
CA GLN A 280 -4.19 34.32 -17.86
C GLN A 280 -4.07 35.79 -17.47
N GLU A 281 -4.66 36.16 -16.34
CA GLU A 281 -4.67 37.56 -15.91
C GLU A 281 -3.33 38.03 -15.36
N TYR A 282 -2.59 37.18 -14.64
CA TYR A 282 -1.33 37.58 -14.03
C TYR A 282 -0.10 37.26 -14.86
N GLY A 283 -0.22 36.41 -15.88
CA GLY A 283 0.92 36.09 -16.71
C GLY A 283 1.94 35.12 -16.15
N PHE A 284 1.53 34.22 -15.26
CA PHE A 284 2.42 33.17 -14.81
C PHE A 284 2.08 31.85 -15.51
N GLU A 285 3.07 30.97 -15.57
CA GLU A 285 2.90 29.65 -16.18
C GLU A 285 2.27 28.70 -15.17
N LEU A 286 1.27 27.95 -15.63
CA LEU A 286 0.51 27.02 -14.81
C LEU A 286 0.52 25.65 -15.46
N TYR A 287 0.76 24.63 -14.65
CA TYR A 287 0.76 23.24 -15.11
C TYR A 287 -0.16 22.45 -14.19
N ILE A 288 -1.23 21.92 -14.75
CA ILE A 288 -2.16 21.06 -14.03
C ILE A 288 -2.29 19.80 -14.88
N PRO A 289 -2.28 18.62 -14.30
CA PRO A 289 -2.29 17.41 -15.12
C PRO A 289 -3.68 17.12 -15.67
N HIS A 290 -3.73 16.21 -16.65
CA HIS A 290 -5.02 15.62 -17.02
C HIS A 290 -5.67 15.09 -15.75
N PRO A 291 -7.01 15.14 -15.64
CA PRO A 291 -7.65 14.70 -14.38
C PRO A 291 -7.31 13.27 -14.00
N SER A 292 -6.98 12.41 -14.98
CA SER A 292 -6.63 11.02 -14.66
C SER A 292 -5.26 10.91 -13.99
N LEU A 293 -4.46 11.96 -14.05
CA LEU A 293 -3.17 11.96 -13.37
C LEU A 293 -3.19 12.81 -12.10
N SER A 294 -4.29 13.52 -11.84
CA SER A 294 -4.44 14.24 -10.59
C SER A 294 -4.59 13.27 -9.42
N THR A 295 -5.45 12.26 -9.56
CA THR A 295 -5.66 11.28 -8.51
C THR A 295 -4.61 10.17 -8.62
N ASP A 296 -4.50 9.37 -7.56
CA ASP A 296 -3.37 8.48 -7.42
C ASP A 296 -3.28 7.53 -8.61
N ASN A 297 -2.07 7.35 -9.11
CA ASN A 297 -1.78 6.48 -10.24
C ASN A 297 -0.32 6.07 -10.10
N ALA A 298 0.06 5.00 -10.80
CA ALA A 298 1.47 4.60 -10.77
C ALA A 298 2.30 5.24 -11.87
N LEU A 299 1.68 5.90 -12.85
CA LEU A 299 2.46 6.55 -13.89
C LEU A 299 3.33 7.67 -13.33
N MET A 300 2.79 8.46 -12.39
CA MET A 300 3.59 9.53 -11.81
C MET A 300 4.74 8.97 -10.98
N ILE A 301 4.53 7.81 -10.34
CA ILE A 301 5.61 7.12 -9.63
C ILE A 301 6.67 6.67 -10.62
N ALA A 302 6.25 6.10 -11.74
CA ALA A 302 7.18 5.72 -12.78
C ALA A 302 8.01 6.92 -13.26
N TYR A 303 7.40 8.10 -13.40
CA TYR A 303 8.18 9.22 -13.92
C TYR A 303 9.24 9.66 -12.91
N ALA A 304 8.87 9.82 -11.64
CA ALA A 304 9.86 10.19 -10.64
C ALA A 304 10.92 9.10 -10.47
N GLY A 305 10.53 7.83 -10.62
CA GLY A 305 11.51 6.77 -10.58
C GLY A 305 12.56 6.89 -11.66
N MET A 306 12.13 7.21 -12.89
CA MET A 306 13.06 7.47 -13.99
C MET A 306 14.09 8.54 -13.61
N GLU A 307 13.61 9.64 -13.04
CA GLU A 307 14.49 10.75 -12.67
C GLU A 307 15.53 10.31 -11.64
N ARG A 308 15.10 9.53 -10.64
CA ARG A 308 16.03 9.08 -9.61
C ARG A 308 16.98 8.02 -10.16
N PHE A 309 16.47 7.06 -10.93
CA PHE A 309 17.35 6.04 -11.50
C PHE A 309 18.41 6.69 -12.37
N LYS A 310 18.02 7.67 -13.18
CA LYS A 310 18.96 8.29 -14.11
C LYS A 310 20.07 9.03 -13.39
N ARG A 311 19.87 9.37 -12.12
CA ARG A 311 20.95 9.96 -11.33
C ARG A 311 21.78 8.91 -10.60
N GLY A 312 21.60 7.62 -10.93
CA GLY A 312 22.41 6.56 -10.36
C GLY A 312 22.00 6.09 -8.98
N VAL A 313 20.77 6.40 -8.53
CA VAL A 313 20.33 6.04 -7.18
C VAL A 313 19.42 4.81 -7.24
N VAL A 314 19.81 3.76 -6.51
CA VAL A 314 18.97 2.58 -6.32
C VAL A 314 18.96 2.23 -4.84
N ALA A 315 17.92 1.45 -4.45
CA ALA A 315 17.76 1.04 -3.06
C ALA A 315 18.35 -0.34 -2.84
N PRO A 316 18.78 -0.64 -1.62
CA PRO A 316 19.25 -1.99 -1.29
C PRO A 316 18.06 -2.94 -1.11
N LEU A 317 18.36 -4.24 -1.07
CA LEU A 317 17.28 -5.22 -1.09
C LEU A 317 16.44 -5.17 0.19
N ASP A 318 17.03 -4.71 1.29
CA ASP A 318 16.32 -4.67 2.56
C ASP A 318 15.63 -3.32 2.81
N VAL A 319 15.38 -2.53 1.77
CA VAL A 319 14.78 -1.22 2.00
C VAL A 319 13.38 -1.40 2.57
N ASN A 320 13.04 -0.56 3.54
CA ASN A 320 11.84 -0.71 4.34
C ASN A 320 10.94 0.53 4.21
N PRO A 321 9.64 0.35 3.96
CA PRO A 321 8.73 1.51 3.93
C PRO A 321 8.56 2.11 5.32
N GLN A 322 8.04 3.34 5.34
CA GLN A 322 7.74 4.05 6.57
C GLN A 322 6.48 4.88 6.41
N PRO A 323 5.75 5.15 7.50
CA PRO A 323 4.49 5.87 7.34
C PRO A 323 4.65 7.30 6.86
N ASN A 324 5.65 8.04 7.34
CA ASN A 324 5.71 9.46 7.00
C ASN A 324 7.14 10.00 7.09
N ILE A 325 7.88 9.88 5.99
CA ILE A 325 9.10 10.67 5.84
C ILE A 325 8.71 11.97 5.15
N PRO A 326 9.08 13.13 5.70
CA PRO A 326 8.74 14.39 5.03
C PRO A 326 9.40 14.49 3.66
N LEU A 327 8.67 15.11 2.72
CA LEU A 327 9.16 15.20 1.34
C LEU A 327 10.57 15.79 1.28
N GLU A 328 10.82 16.87 2.03
CA GLU A 328 12.11 17.54 1.93
C GLU A 328 13.24 16.61 2.40
N GLU A 329 13.06 16.01 3.58
CA GLU A 329 14.03 15.03 4.06
C GLU A 329 14.19 13.87 3.07
N PHE A 330 13.07 13.37 2.51
CA PHE A 330 13.17 12.23 1.59
C PHE A 330 14.11 12.55 0.44
N GLY A 331 13.93 13.71 -0.19
CA GLY A 331 14.76 14.05 -1.33
C GLY A 331 16.23 14.20 -0.99
N ARG A 332 16.54 14.69 0.20
CA ARG A 332 17.94 14.74 0.61
C ARG A 332 18.51 13.33 0.78
N ILE A 333 17.74 12.43 1.38
CA ILE A 333 18.19 11.06 1.66
C ILE A 333 18.40 10.29 0.36
N TRP A 334 17.53 10.49 -0.64
CA TRP A 334 17.43 9.56 -1.75
C TRP A 334 17.87 10.15 -3.08
N THR A 335 18.61 11.25 -3.07
CA THR A 335 19.18 11.75 -4.32
C THR A 335 20.27 12.78 -4.03
N MET B 1 10.74 -33.63 -7.82
CA MET B 1 10.24 -32.27 -7.69
C MET B 1 10.94 -31.54 -6.55
N LYS B 2 11.11 -30.22 -6.68
CA LYS B 2 11.79 -29.40 -5.70
C LYS B 2 10.91 -28.23 -5.33
N ILE B 3 10.48 -28.16 -4.07
CA ILE B 3 9.52 -27.16 -3.60
C ILE B 3 10.20 -26.19 -2.65
N LEU B 4 10.01 -24.89 -2.88
CA LEU B 4 10.40 -23.87 -1.90
C LEU B 4 9.19 -23.56 -1.02
N SER B 5 9.34 -23.76 0.30
CA SER B 5 8.24 -23.58 1.25
C SER B 5 8.60 -22.46 2.23
N ILE B 6 7.69 -21.52 2.41
CA ILE B 6 7.97 -20.33 3.21
C ILE B 6 6.98 -20.18 4.36
N ASP B 7 7.46 -19.66 5.49
CA ASP B 7 6.59 -19.39 6.63
C ASP B 7 6.98 -18.04 7.21
N THR B 8 6.07 -17.06 7.11
CA THR B 8 6.26 -15.78 7.76
C THR B 8 5.19 -15.50 8.82
N SER B 9 4.72 -16.55 9.52
CA SER B 9 3.63 -16.37 10.47
C SER B 9 4.09 -15.63 11.72
N PHE B 10 5.33 -15.87 12.18
CA PHE B 10 5.82 -15.35 13.46
C PHE B 10 7.20 -14.72 13.30
N SER B 11 7.73 -14.18 14.41
CA SER B 11 9.08 -13.63 14.34
C SER B 11 10.13 -14.70 14.07
N PHE B 12 9.83 -15.98 14.32
CA PHE B 12 10.72 -17.05 13.89
C PHE B 12 10.36 -17.41 12.45
N ILE B 13 10.82 -16.56 11.54
CA ILE B 13 10.62 -16.78 10.12
C ILE B 13 11.44 -17.99 9.69
N ASN B 14 10.92 -18.75 8.73
CA ASN B 14 11.66 -19.93 8.30
C ASN B 14 11.22 -20.33 6.89
N PHE B 15 12.14 -20.93 6.14
CA PHE B 15 11.80 -21.51 4.85
C PHE B 15 12.55 -22.83 4.66
N SER B 16 11.98 -23.68 3.81
CA SER B 16 12.50 -25.03 3.61
C SER B 16 12.50 -25.33 2.12
N VAL B 17 13.36 -26.27 1.72
CA VAL B 17 13.31 -26.89 0.39
C VAL B 17 12.93 -28.34 0.59
N ILE B 18 11.98 -28.82 -0.21
CA ILE B 18 11.50 -30.20 -0.14
C ILE B 18 11.89 -30.89 -1.43
N GLU B 19 12.56 -32.04 -1.31
CA GLU B 19 12.85 -32.86 -2.47
C GLU B 19 12.79 -34.31 -2.04
N GLU B 20 12.47 -35.19 -2.98
CA GLU B 20 12.33 -36.61 -2.70
C GLU B 20 11.42 -36.84 -1.50
N GLU B 21 10.33 -36.07 -1.41
CA GLU B 21 9.32 -36.12 -0.35
C GLU B 21 9.82 -35.70 1.03
N LYS B 22 11.06 -35.20 1.15
CA LYS B 22 11.67 -34.91 2.45
C LYS B 22 12.30 -33.53 2.47
N VAL B 23 12.59 -33.05 3.69
CA VAL B 23 13.24 -31.75 3.86
C VAL B 23 14.73 -31.90 3.52
N THR B 24 15.19 -31.15 2.53
CA THR B 24 16.62 -31.12 2.23
C THR B 24 17.28 -29.81 2.66
N PHE B 25 16.50 -28.81 3.07
CA PHE B 25 17.04 -27.54 3.53
C PHE B 25 16.01 -26.88 4.44
N LEU B 26 16.49 -26.32 5.56
CA LEU B 26 15.62 -25.53 6.42
C LEU B 26 16.47 -24.44 7.06
N HIS B 27 15.98 -23.20 6.99
CA HIS B 27 16.61 -22.05 7.62
C HIS B 27 15.57 -21.38 8.49
N TYR B 28 15.91 -21.13 9.76
CA TYR B 28 14.96 -20.72 10.78
C TYR B 28 15.64 -19.66 11.62
N LEU B 29 15.04 -18.46 11.69
CA LEU B 29 15.68 -17.32 12.34
C LEU B 29 14.65 -16.56 13.15
N LYS B 30 14.88 -16.44 14.46
CA LYS B 30 14.05 -15.57 15.29
C LYS B 30 14.69 -14.20 15.31
N SER B 31 13.96 -13.20 14.83
CA SER B 31 14.56 -11.90 14.58
C SER B 31 13.57 -10.80 14.93
N ASN B 32 14.09 -9.72 15.49
CA ASN B 32 13.26 -8.54 15.73
C ASN B 32 13.25 -7.57 14.55
N LYS B 33 13.91 -7.92 13.42
CA LYS B 33 13.85 -7.09 12.23
C LYS B 33 12.46 -7.15 11.60
N LYS B 34 12.13 -6.11 10.81
CA LYS B 34 10.85 -6.09 10.11
C LYS B 34 10.87 -7.08 8.95
N THR B 35 9.69 -7.61 8.61
CA THR B 35 9.63 -8.67 7.61
C THR B 35 10.28 -8.26 6.31
N LEU B 36 10.07 -7.00 5.89
CA LEU B 36 10.64 -6.50 4.64
C LEU B 36 12.13 -6.15 4.76
N GLU B 37 12.64 -5.97 5.98
CA GLU B 37 14.09 -5.91 6.16
C GLU B 37 14.73 -7.26 5.85
N LEU B 38 14.06 -8.35 6.26
CA LEU B 38 14.59 -9.69 6.04
C LEU B 38 14.29 -10.22 4.64
N LEU B 39 13.09 -9.92 4.09
CA LEU B 39 12.86 -10.47 2.75
C LEU B 39 12.98 -9.37 1.69
N PRO B 40 13.63 -9.64 0.55
CA PRO B 40 14.24 -10.91 0.14
C PRO B 40 15.77 -10.99 0.36
N LYS B 41 16.34 -10.07 1.15
CA LYS B 41 17.78 -10.12 1.40
C LYS B 41 18.22 -11.49 1.93
N ILE B 42 17.40 -12.11 2.80
CA ILE B 42 17.83 -13.37 3.41
C ILE B 42 17.89 -14.47 2.37
N PHE B 43 17.10 -14.36 1.30
CA PHE B 43 17.19 -15.32 0.20
C PHE B 43 18.49 -15.12 -0.59
N GLU B 44 18.84 -13.86 -0.89
CA GLU B 44 20.09 -13.62 -1.61
C GLU B 44 21.30 -14.14 -0.84
N GLU B 45 21.32 -13.91 0.48
CA GLU B 45 22.43 -14.41 1.31
C GLU B 45 22.56 -15.93 1.22
N LEU B 46 21.45 -16.65 1.14
CA LEU B 46 21.43 -18.10 1.12
C LEU B 46 21.34 -18.68 -0.29
N CYS B 47 21.44 -17.85 -1.31
CA CYS B 47 21.46 -18.29 -2.72
C CYS B 47 20.18 -19.03 -3.10
N ILE B 48 19.06 -18.62 -2.52
CA ILE B 48 17.75 -19.18 -2.85
C ILE B 48 17.15 -18.35 -3.97
N ARG B 49 16.91 -18.98 -5.13
CA ARG B 49 16.43 -18.33 -6.34
C ARG B 49 15.09 -18.92 -6.76
N PRO B 50 14.05 -18.12 -6.93
CA PRO B 50 12.72 -18.70 -7.22
C PRO B 50 12.67 -19.53 -8.51
N GLU B 51 13.44 -19.18 -9.54
CA GLU B 51 13.42 -19.96 -10.77
C GLU B 51 14.02 -21.36 -10.60
N ASN B 52 14.62 -21.68 -9.46
CA ASN B 52 15.20 -23.00 -9.27
C ASN B 52 14.22 -24.01 -8.72
N PHE B 53 12.93 -23.66 -8.59
CA PHE B 53 11.98 -24.53 -7.91
C PHE B 53 10.83 -24.92 -8.82
N ASP B 54 10.34 -26.16 -8.64
CA ASP B 54 9.21 -26.64 -9.41
C ASP B 54 7.88 -26.17 -8.84
N ALA B 55 7.83 -25.80 -7.56
CA ALA B 55 6.57 -25.52 -6.89
C ALA B 55 6.86 -24.71 -5.63
N PHE B 56 5.82 -24.12 -5.06
CA PHE B 56 5.96 -23.29 -3.87
C PHE B 56 4.90 -23.65 -2.85
N ALA B 57 5.21 -23.39 -1.58
CA ALA B 57 4.29 -23.60 -0.49
C ALA B 57 4.37 -22.40 0.45
N VAL B 58 3.25 -22.00 1.03
CA VAL B 58 3.27 -20.84 1.92
C VAL B 58 2.25 -21.02 3.02
N SER B 59 2.61 -20.57 4.23
CA SER B 59 1.69 -20.60 5.35
C SER B 59 0.67 -19.47 5.22
N VAL B 60 -0.61 -19.79 5.45
CA VAL B 60 -1.61 -18.75 5.56
C VAL B 60 -2.00 -18.52 7.02
N GLY B 61 -1.19 -19.01 7.95
CA GLY B 61 -1.41 -18.76 9.35
C GLY B 61 -2.19 -19.88 10.03
N VAL B 62 -2.72 -19.57 11.23
CA VAL B 62 -2.74 -18.23 11.83
C VAL B 62 -1.37 -17.68 12.22
N GLY B 63 -1.29 -16.36 12.21
CA GLY B 63 -0.03 -15.68 12.48
C GLY B 63 -0.25 -14.18 12.36
N TYR B 64 0.85 -13.45 12.49
CA TYR B 64 0.76 -12.00 12.35
C TYR B 64 0.38 -11.65 10.92
N LEU B 65 -0.69 -10.85 10.77
CA LEU B 65 -1.33 -10.69 9.48
C LEU B 65 -0.43 -9.93 8.50
N THR B 66 0.27 -8.90 8.96
CA THR B 66 1.07 -8.16 7.97
C THR B 66 2.24 -8.99 7.47
N SER B 67 2.86 -9.78 8.33
CA SER B 67 3.95 -10.62 7.84
C SER B 67 3.44 -11.78 6.99
N LEU B 68 2.21 -12.25 7.25
CA LEU B 68 1.61 -13.24 6.37
C LEU B 68 1.30 -12.65 5.00
N ARG B 69 0.70 -11.45 4.98
CA ARG B 69 0.44 -10.79 3.71
C ARG B 69 1.71 -10.60 2.90
N ILE B 70 2.80 -10.20 3.57
CA ILE B 70 4.07 -10.01 2.86
C ILE B 70 4.56 -11.33 2.26
N GLY B 71 4.63 -12.39 3.08
CA GLY B 71 5.15 -13.65 2.59
C GLY B 71 4.30 -14.23 1.48
N VAL B 72 2.97 -14.16 1.63
CA VAL B 72 2.05 -14.66 0.62
C VAL B 72 2.22 -13.88 -0.69
N THR B 73 2.48 -12.58 -0.60
CA THR B 73 2.68 -11.77 -1.81
C THR B 73 3.97 -12.17 -2.54
N PHE B 74 5.07 -12.34 -1.79
CA PHE B 74 6.29 -12.87 -2.40
C PHE B 74 6.01 -14.17 -3.15
N VAL B 75 5.32 -15.11 -2.50
CA VAL B 75 5.19 -16.45 -3.09
C VAL B 75 4.21 -16.43 -4.26
N LYS B 76 3.08 -15.74 -4.12
CA LYS B 76 2.14 -15.64 -5.24
C LYS B 76 2.78 -15.01 -6.46
N THR B 77 3.58 -13.97 -6.25
CA THR B 77 4.23 -13.29 -7.36
C THR B 77 5.16 -14.25 -8.11
N TRP B 78 5.99 -15.00 -7.38
CA TRP B 78 6.88 -15.97 -8.01
C TRP B 78 6.10 -17.08 -8.69
N ALA B 79 5.13 -17.68 -8.00
CA ALA B 79 4.40 -18.79 -8.59
C ALA B 79 3.65 -18.35 -9.85
N TYR B 80 2.98 -17.20 -9.79
CA TYR B 80 2.23 -16.73 -10.94
C TYR B 80 3.14 -16.46 -12.14
N THR B 81 4.27 -15.76 -11.92
CA THR B 81 5.10 -15.34 -13.05
C THR B 81 5.86 -16.53 -13.65
N LEU B 82 6.26 -17.51 -12.84
CA LEU B 82 7.00 -18.66 -13.34
C LEU B 82 6.07 -19.77 -13.81
N GLY B 83 4.76 -19.60 -13.68
CA GLY B 83 3.83 -20.63 -14.05
C GLY B 83 3.98 -21.91 -13.24
N LYS B 84 4.30 -21.80 -11.94
CA LYS B 84 4.53 -22.98 -11.13
C LYS B 84 3.41 -23.15 -10.12
N PRO B 85 3.10 -24.37 -9.71
CA PRO B 85 2.04 -24.56 -8.72
C PRO B 85 2.44 -24.02 -7.36
N VAL B 86 1.43 -23.68 -6.57
CA VAL B 86 1.58 -23.18 -5.21
C VAL B 86 0.53 -23.88 -4.34
N VAL B 87 0.92 -24.21 -3.11
CA VAL B 87 0.05 -24.85 -2.16
C VAL B 87 0.11 -24.05 -0.85
N SER B 88 -1.05 -23.73 -0.31
CA SER B 88 -1.12 -23.07 0.99
C SER B 88 -1.23 -24.13 2.09
N TYR B 89 -0.87 -23.75 3.32
CA TYR B 89 -1.05 -24.68 4.43
C TYR B 89 -1.36 -23.90 5.70
N LYS B 90 -1.98 -24.60 6.66
CA LYS B 90 -2.48 -24.01 7.89
C LYS B 90 -1.71 -24.52 9.10
N ASN B 91 -1.23 -23.60 9.94
CA ASN B 91 -0.35 -23.95 11.05
C ASN B 91 -1.04 -24.81 12.09
N LEU B 92 -2.26 -24.42 12.48
CA LEU B 92 -2.96 -25.15 13.54
C LEU B 92 -3.30 -26.56 13.09
N GLU B 93 -3.69 -26.74 11.83
CA GLU B 93 -3.92 -28.07 11.27
C GLU B 93 -2.67 -28.95 11.37
N LEU B 94 -1.50 -28.40 11.00
CA LEU B 94 -0.27 -29.17 11.04
C LEU B 94 0.10 -29.54 12.48
N LEU B 95 -0.08 -28.62 13.43
CA LEU B 95 0.23 -28.92 14.82
C LEU B 95 -0.62 -30.07 15.35
N ALA B 96 -1.88 -30.17 14.92
CA ALA B 96 -2.74 -31.26 15.37
C ALA B 96 -2.36 -32.57 14.68
N LYS B 97 -2.23 -32.55 13.35
CA LYS B 97 -2.03 -33.80 12.64
C LYS B 97 -0.70 -34.46 12.99
N LYS B 98 0.32 -33.65 13.32
CA LYS B 98 1.68 -34.15 13.51
C LYS B 98 2.01 -34.42 14.97
N THR B 99 1.06 -34.20 15.89
CA THR B 99 1.32 -34.42 17.31
C THR B 99 0.53 -35.64 17.77
N PRO B 100 1.19 -36.75 18.13
CA PRO B 100 0.50 -38.03 18.34
C PRO B 100 -0.07 -38.18 19.76
N VAL B 101 -0.83 -37.19 20.21
CA VAL B 101 -1.50 -37.25 21.50
C VAL B 101 -2.94 -37.67 21.24
N PRO B 102 -3.69 -38.12 22.24
CA PRO B 102 -5.07 -38.56 21.96
C PRO B 102 -5.98 -37.39 21.64
N PHE B 103 -7.06 -37.70 20.93
CA PHE B 103 -8.12 -36.74 20.67
C PHE B 103 -8.96 -36.52 21.92
N PRO B 104 -9.60 -35.34 22.05
CA PRO B 104 -9.50 -34.19 21.13
C PRO B 104 -8.20 -33.41 21.29
N LYS B 105 -7.72 -32.87 20.16
CA LYS B 105 -6.47 -32.12 20.07
C LYS B 105 -6.77 -30.63 19.97
N ILE B 106 -6.15 -29.83 20.83
CA ILE B 106 -6.36 -28.39 20.85
C ILE B 106 -5.06 -27.65 20.50
N PRO B 107 -4.69 -27.57 19.23
CA PRO B 107 -3.56 -26.71 18.87
C PRO B 107 -3.88 -25.25 19.16
N TYR B 108 -2.88 -24.51 19.64
CA TYR B 108 -3.12 -23.08 19.81
C TYR B 108 -1.84 -22.28 19.61
N LEU B 109 -2.04 -21.03 19.20
CA LEU B 109 -0.94 -20.08 19.00
C LEU B 109 -1.40 -18.71 19.45
N LYS B 110 -0.44 -17.89 19.86
CA LYS B 110 -0.69 -16.53 20.31
C LYS B 110 -0.23 -15.54 19.24
N VAL B 111 -1.13 -14.64 18.84
CA VAL B 111 -0.80 -13.53 17.94
C VAL B 111 -1.26 -12.25 18.62
N GLY B 112 -0.32 -11.40 19.00
CA GLY B 112 -0.65 -10.19 19.72
C GLY B 112 -1.29 -10.56 21.04
N SER B 113 -2.49 -10.03 21.27
CA SER B 113 -3.24 -10.27 22.49
C SER B 113 -4.20 -11.45 22.38
N ASN B 114 -4.28 -12.11 21.23
CA ASN B 114 -5.23 -13.18 21.02
C ASN B 114 -4.53 -14.53 21.08
N VAL B 115 -5.10 -15.46 21.82
CA VAL B 115 -4.74 -16.85 21.74
C VAL B 115 -5.76 -17.51 20.82
N PHE B 116 -5.33 -17.88 19.63
CA PHE B 116 -6.17 -18.61 18.69
C PHE B 116 -5.99 -20.10 18.91
N TYR B 117 -7.11 -20.83 18.94
CA TYR B 117 -7.08 -22.27 19.08
C TYR B 117 -8.17 -22.87 18.20
N GLN B 118 -8.00 -24.15 17.90
CA GLN B 118 -8.90 -24.93 17.08
C GLN B 118 -8.99 -26.33 17.67
N ILE B 119 -10.18 -26.94 17.65
CA ILE B 119 -10.43 -28.22 18.31
C ILE B 119 -10.59 -29.29 17.23
N PHE B 120 -9.72 -30.30 17.27
CA PHE B 120 -9.71 -31.38 16.28
C PHE B 120 -10.18 -32.68 16.91
N GLU B 121 -11.08 -33.37 16.22
CA GLU B 121 -11.47 -34.74 16.49
C GLU B 121 -10.92 -35.62 15.37
N GLU B 122 -11.07 -36.93 15.54
CA GLU B 122 -10.58 -37.85 14.51
C GLU B 122 -11.11 -37.48 13.14
N SER B 123 -12.39 -37.12 13.05
CA SER B 123 -13.06 -36.95 11.77
C SER B 123 -13.63 -35.56 11.54
N SER B 124 -13.30 -34.57 12.37
CA SER B 124 -13.90 -33.25 12.24
C SER B 124 -13.12 -32.26 13.09
N SER B 125 -13.39 -30.97 12.87
CA SER B 125 -12.71 -29.94 13.63
C SER B 125 -13.59 -28.70 13.71
N SER B 126 -13.28 -27.85 14.67
CA SER B 126 -14.01 -26.61 14.86
C SER B 126 -13.42 -25.49 14.00
N GLU B 127 -14.02 -24.31 14.08
CA GLU B 127 -13.42 -23.11 13.54
C GLU B 127 -12.30 -22.66 14.46
N VAL B 128 -11.46 -21.74 13.96
CA VAL B 128 -10.47 -21.12 14.82
C VAL B 128 -11.20 -20.18 15.78
N LYS B 129 -11.04 -20.43 17.07
CA LYS B 129 -11.68 -19.66 18.13
C LYS B 129 -10.66 -18.78 18.84
N VAL B 130 -11.18 -17.84 19.63
CA VAL B 130 -10.36 -16.98 20.48
C VAL B 130 -10.54 -17.41 21.93
N PHE B 131 -9.43 -17.68 22.60
CA PHE B 131 -9.45 -18.21 23.97
C PHE B 131 -9.77 -17.12 24.98
N LYS B 132 -10.74 -17.40 25.87
CA LYS B 132 -11.19 -16.43 26.86
C LYS B 132 -11.17 -17.01 28.27
N GLY B 133 -10.32 -18.01 28.53
CA GLY B 133 -10.15 -18.57 29.84
C GLY B 133 -10.90 -19.86 30.07
N GLU B 134 -11.69 -20.30 29.11
CA GLU B 134 -12.63 -21.38 29.36
C GLU B 134 -11.90 -22.70 29.64
N GLU B 135 -12.57 -23.56 30.39
CA GLU B 135 -12.04 -24.88 30.72
C GLU B 135 -12.36 -25.82 29.56
N LEU B 136 -11.32 -26.29 28.88
CA LEU B 136 -11.48 -27.06 27.65
C LEU B 136 -11.14 -28.52 27.91
N ARG B 137 -11.88 -29.40 27.25
CA ARG B 137 -11.65 -30.83 27.30
C ARG B 137 -10.69 -31.25 26.19
N GLY B 138 -9.63 -31.96 26.55
CA GLY B 138 -8.71 -32.46 25.55
C GLY B 138 -7.30 -31.96 25.76
N TYR B 139 -6.47 -32.20 24.74
CA TYR B 139 -5.01 -32.12 24.86
C TYR B 139 -4.50 -30.90 24.09
N GLY B 140 -4.05 -29.88 24.82
CA GLY B 140 -3.50 -28.71 24.18
C GLY B 140 -2.14 -28.98 23.55
N ILE B 141 -1.88 -28.28 22.44
CA ILE B 141 -0.66 -28.44 21.66
C ILE B 141 -0.18 -27.06 21.26
N SER B 142 1.07 -26.73 21.60
CA SER B 142 1.57 -25.41 21.20
C SER B 142 3.10 -25.46 21.13
N LEU B 143 3.73 -24.30 21.15
CA LEU B 143 5.16 -24.12 21.00
C LEU B 143 5.76 -23.73 22.35
N LYS B 144 7.07 -23.98 22.48
CA LYS B 144 7.75 -23.57 23.70
C LYS B 144 7.68 -22.06 23.90
N GLU B 145 7.62 -21.29 22.80
CA GLU B 145 7.44 -19.84 22.92
C GLU B 145 6.22 -19.48 23.77
N PHE B 146 5.20 -20.35 23.79
CA PHE B 146 3.93 -20.05 24.46
C PHE B 146 3.70 -20.97 25.65
N GLU B 147 4.79 -21.47 26.25
CA GLU B 147 4.71 -22.42 27.35
C GLU B 147 3.93 -21.89 28.54
N ASP B 148 3.88 -20.56 28.71
CA ASP B 148 3.15 -19.98 29.84
C ASP B 148 1.64 -20.04 29.67
N ILE B 149 1.15 -20.47 28.51
CA ILE B 149 -0.28 -20.48 28.20
C ILE B 149 -0.77 -21.92 28.21
N LYS B 150 -1.77 -22.20 29.05
CA LYS B 150 -2.28 -23.56 29.26
C LYS B 150 -3.71 -23.66 28.74
N LEU B 151 -3.91 -24.48 27.73
CA LEU B 151 -5.24 -24.81 27.23
C LEU B 151 -5.47 -26.30 27.39
N GLY B 152 -6.73 -26.67 27.66
CA GLY B 152 -7.07 -28.07 27.76
C GLY B 152 -6.64 -28.72 29.07
N GLU B 153 -6.82 -30.04 29.12
CA GLU B 153 -6.60 -30.79 30.35
C GLU B 153 -5.12 -31.11 30.59
N LYS B 154 -4.37 -31.30 29.50
CA LYS B 154 -2.92 -31.45 29.56
C LYS B 154 -2.36 -30.71 28.36
N GLN B 155 -1.07 -30.41 28.41
CA GLN B 155 -0.42 -29.66 27.34
C GLN B 155 0.84 -30.37 26.88
N PHE B 156 1.08 -30.31 25.57
CA PHE B 156 2.36 -30.63 24.96
C PHE B 156 2.88 -29.37 24.29
N PHE B 157 4.13 -29.01 24.55
CA PHE B 157 4.79 -27.90 23.89
C PHE B 157 5.96 -28.43 23.07
N HIS B 158 5.96 -28.13 21.76
CA HIS B 158 7.08 -28.48 20.89
C HIS B 158 8.25 -27.55 21.15
N ASP B 159 9.44 -28.12 21.40
CA ASP B 159 10.64 -27.29 21.49
C ASP B 159 10.83 -26.47 20.23
N ILE B 160 10.46 -27.02 19.09
CA ILE B 160 10.56 -26.34 17.81
C ILE B 160 9.60 -27.05 16.86
N PHE B 161 8.96 -26.27 16.00
CA PHE B 161 7.98 -26.80 15.04
C PHE B 161 7.97 -25.89 13.84
N PRO B 162 8.99 -26.01 12.96
CA PRO B 162 9.12 -25.07 11.84
C PRO B 162 8.05 -25.30 10.79
N PHE B 163 7.05 -24.42 10.73
CA PHE B 163 5.89 -24.71 9.90
C PHE B 163 6.25 -24.90 8.43
N SER B 164 7.29 -24.21 7.92
CA SER B 164 7.63 -24.33 6.51
C SER B 164 8.10 -25.74 6.16
N ALA B 165 8.71 -26.45 7.10
CA ALA B 165 9.10 -27.83 6.83
C ALA B 165 7.88 -28.74 6.72
N TYR B 166 7.03 -28.72 7.76
CA TYR B 166 5.84 -29.58 7.72
C TYR B 166 4.92 -29.18 6.58
N GLY B 167 4.78 -27.86 6.36
CA GLY B 167 3.93 -27.40 5.27
C GLY B 167 4.45 -27.81 3.91
N GLY B 168 5.78 -27.81 3.74
CA GLY B 168 6.36 -28.25 2.47
C GLY B 168 6.20 -29.73 2.22
N ILE B 169 6.38 -30.55 3.25
CA ILE B 169 6.10 -31.99 3.11
C ILE B 169 4.64 -32.21 2.72
N TYR B 170 3.72 -31.51 3.39
CA TYR B 170 2.30 -31.58 3.02
C TYR B 170 2.08 -31.16 1.58
N ALA B 171 2.74 -30.07 1.15
CA ALA B 171 2.52 -29.59 -0.21
C ALA B 171 2.95 -30.63 -1.22
N TYR B 172 4.09 -31.29 -0.96
CA TYR B 172 4.57 -32.37 -1.82
C TYR B 172 3.52 -33.47 -1.94
N GLU B 173 2.98 -33.91 -0.81
CA GLU B 173 1.92 -34.91 -0.85
C GLU B 173 0.72 -34.39 -1.64
N PHE B 174 0.35 -33.12 -1.41
CA PHE B 174 -0.81 -32.51 -2.07
C PHE B 174 -0.65 -32.55 -3.59
N LEU B 175 0.52 -32.17 -4.09
CA LEU B 175 0.73 -32.07 -5.53
C LEU B 175 0.77 -33.43 -6.22
N LYS B 176 0.88 -34.53 -5.47
CA LYS B 176 0.83 -35.83 -6.13
C LYS B 176 -0.54 -36.09 -6.72
N GLU B 177 -1.60 -35.83 -5.97
CA GLU B 177 -2.96 -36.03 -6.47
C GLU B 177 -3.55 -34.78 -7.12
N ASN B 178 -3.03 -33.59 -6.79
CA ASN B 178 -3.51 -32.32 -7.36
C ASN B 178 -2.31 -31.54 -7.89
N PRO B 179 -1.75 -31.96 -9.03
CA PRO B 179 -0.51 -31.37 -9.51
C PRO B 179 -0.64 -29.93 -9.98
N GLU B 180 -1.86 -29.42 -10.15
CA GLU B 180 -2.07 -28.02 -10.51
C GLU B 180 -1.97 -27.10 -9.30
N GLY B 181 -1.97 -27.67 -8.09
CA GLY B 181 -1.89 -26.87 -6.89
C GLY B 181 -3.20 -26.14 -6.63
N GLU B 182 -3.11 -25.07 -5.85
CA GLU B 182 -4.25 -24.25 -5.53
C GLU B 182 -4.21 -22.97 -6.36
N ASN B 183 -5.39 -22.36 -6.52
CA ASN B 183 -5.54 -21.16 -7.33
C ASN B 183 -4.71 -20.03 -6.73
N VAL B 184 -3.72 -19.56 -7.47
CA VAL B 184 -2.77 -18.60 -6.91
C VAL B 184 -3.45 -17.27 -6.61
N PHE B 185 -4.45 -16.87 -7.40
CA PHE B 185 -5.16 -15.62 -7.14
C PHE B 185 -5.95 -15.65 -5.84
N GLU B 186 -6.32 -16.83 -5.36
CA GLU B 186 -7.17 -16.93 -4.17
C GLU B 186 -6.41 -17.18 -2.87
N ILE B 187 -5.08 -17.31 -2.90
CA ILE B 187 -4.33 -17.59 -1.68
C ILE B 187 -4.26 -16.35 -0.82
N GLU B 188 -4.72 -16.46 0.43
CA GLU B 188 -4.78 -15.30 1.32
C GLU B 188 -4.58 -15.75 2.76
N PRO B 189 -4.08 -14.88 3.64
CA PRO B 189 -4.01 -15.23 5.06
C PRO B 189 -5.39 -15.58 5.60
N ILE B 190 -5.41 -16.46 6.60
CA ILE B 190 -6.63 -16.75 7.34
C ILE B 190 -6.96 -15.57 8.24
N TYR B 191 -8.17 -15.06 8.11
CA TYR B 191 -8.63 -13.93 8.91
C TYR B 191 -9.67 -14.45 9.91
N VAL B 192 -9.31 -14.46 11.18
CA VAL B 192 -10.25 -14.90 12.21
C VAL B 192 -11.22 -13.76 12.56
N LYS B 193 -10.71 -12.55 12.74
CA LYS B 193 -11.50 -11.40 13.12
C LYS B 193 -11.68 -10.46 11.93
N PRO B 194 -12.71 -9.61 11.95
CA PRO B 194 -12.94 -8.71 10.81
C PRO B 194 -12.13 -7.43 10.94
N PRO B 195 -12.16 -6.54 9.93
CA PRO B 195 -11.45 -5.27 10.11
C PRO B 195 -12.30 -4.18 10.75
FE FE C . -2.02 11.00 -3.69
PB ADP D . -4.42 10.61 -1.62
O1B ADP D . -3.08 10.80 -2.29
O2B ADP D . -4.66 11.56 -0.47
O3B ADP D . -4.80 9.17 -1.36
PA ADP D . -5.41 11.62 -4.16
O1A ADP D . -4.15 12.44 -4.34
O2A ADP D . -5.80 10.49 -5.10
O3A ADP D . -5.56 11.10 -2.65
O5' ADP D . -6.65 12.61 -3.99
C5' ADP D . -7.86 12.13 -3.38
C4' ADP D . -8.66 13.35 -2.96
O4' ADP D . -8.93 14.16 -4.11
C3' ADP D . -9.99 13.02 -2.28
O3' ADP D . -10.04 13.68 -1.02
C2' ADP D . -11.03 13.65 -3.19
O2' ADP D . -12.11 14.23 -2.45
C1' ADP D . -10.24 14.70 -3.96
N9 ADP D . -10.95 14.89 -5.24
C8 ADP D . -11.02 14.01 -6.26
N7 ADP D . -11.77 14.51 -7.27
C5 ADP D . -12.20 15.73 -6.88
C6 ADP D . -13.04 16.80 -7.43
N6 ADP D . -13.59 16.66 -8.67
N1 ADP D . -13.22 17.91 -6.70
C2 ADP D . -12.69 18.07 -5.47
N3 ADP D . -11.91 17.14 -4.89
C4 ADP D . -11.66 15.97 -5.53
C1 PEG E . 12.24 11.44 -18.30
O1 PEG E . 12.65 10.57 -17.25
C2 PEG E . 12.13 10.71 -19.60
O2 PEG E . 12.35 11.59 -20.70
C3 PEG E . 13.72 11.89 -20.95
C4 PEG E . 14.23 11.03 -22.05
O4 PEG E . 15.63 10.84 -21.95
C1 PEG F . 20.46 5.20 0.31
O1 PEG F . 20.01 5.52 1.62
C2 PEG F . 21.38 6.25 -0.24
O2 PEG F . 21.53 6.08 -1.65
C3 PEG F . 22.36 7.07 -2.24
C4 PEG F . 21.72 8.43 -2.14
O4 PEG F . 22.50 9.45 -2.78
C1 PEG G . 3.15 -17.51 -16.71
O1 PEG G . 3.47 -18.65 -17.51
C2 PEG G . 1.74 -17.03 -16.92
O2 PEG G . 1.71 -15.61 -16.90
C3 PEG G . 0.66 -15.06 -17.70
C4 PEG G . 1.14 -13.79 -18.35
O4 PEG G . 0.10 -13.11 -19.04
#